data_4JHQ
#
_entry.id   4JHQ
#
_cell.length_a   69.693
_cell.length_b   78.656
_cell.length_c   42.762
_cell.angle_alpha   90.00
_cell.angle_beta   90.00
_cell.angle_gamma   90.00
#
_symmetry.space_group_name_H-M   'P 21 21 2'
#
loop_
_entity.id
_entity.type
_entity.pdbx_description
1 polymer Avidin
2 non-polymer [(1,2,3,4,5-eta)-cyclopentadienyl][(1,2,3,4,5-eta)-{6-[(6-{[5-(2-oxohexahydro-1H-thieno[3,4-d]imidazol-4-yl)pentanoyl]amino}hexanoyl)amino]hexanoyl}cyclopentadienyl]iron
3 non-polymer 2-acetamido-2-deoxy-beta-D-glucopyranose
4 water water
#
_entity_poly.entity_id   1
_entity_poly.type   'polypeptide(L)'
_entity_poly.pdbx_seq_one_letter_code
;ARKCSLTGKWTNDLGSNMTIGAVNSKGEFTGTYTTAVTATSNEIKESPLHGTQNTINKRTQPTFGFTVNWKFSESTTVFT
GQCFIDRNGKEVLKTMWLLRSSVNDIGDDWKATRVGINIFTRLRTQKE
;
_entity_poly.pdbx_strand_id   A,B
#
# COMPACT_ATOMS: atom_id res chain seq x y z
N ARG A 2 5.54 -20.39 -19.46
CA ARG A 2 6.30 -20.22 -18.17
C ARG A 2 5.54 -19.37 -17.11
N LYS A 3 5.16 -19.99 -16.00
CA LYS A 3 4.19 -19.41 -15.04
C LYS A 3 4.79 -18.98 -13.70
N CYS A 4 4.37 -17.80 -13.21
CA CYS A 4 4.71 -17.33 -11.83
C CYS A 4 4.08 -18.30 -10.81
N SER A 5 4.93 -18.93 -10.00
CA SER A 5 4.51 -20.00 -9.07
C SER A 5 4.79 -19.52 -7.63
N LEU A 6 3.87 -19.72 -6.71
CA LEU A 6 4.02 -19.22 -5.37
C LEU A 6 4.97 -20.09 -4.55
N THR A 7 5.16 -21.35 -4.98
CA THR A 7 6.02 -22.31 -4.25
C THR A 7 7.43 -21.79 -4.09
N GLY A 8 7.96 -21.90 -2.86
CA GLY A 8 9.39 -21.64 -2.67
C GLY A 8 9.59 -20.64 -1.53
N LYS A 9 10.64 -19.83 -1.62
CA LYS A 9 11.03 -19.00 -0.51
C LYS A 9 11.10 -17.52 -0.93
N TRP A 10 10.44 -16.64 -0.17
CA TRP A 10 10.33 -15.24 -0.57
C TRP A 10 10.78 -14.34 0.56
N THR A 11 11.12 -13.09 0.21
CA THR A 11 11.47 -12.12 1.21
C THR A 11 10.79 -10.84 0.82
N ASN A 12 10.41 -10.00 1.78
CA ASN A 12 9.80 -8.72 1.36
C ASN A 12 10.63 -7.47 1.60
N ASP A 13 10.06 -6.32 1.25
CA ASP A 13 10.75 -5.03 1.38
C ASP A 13 11.04 -4.62 2.84
N LEU A 14 10.40 -5.27 3.81
CA LEU A 14 10.71 -4.98 5.20
C LEU A 14 11.63 -6.02 5.84
N GLY A 15 12.18 -6.96 5.08
CA GLY A 15 13.07 -8.01 5.66
C GLY A 15 12.32 -9.29 6.17
N SER A 16 10.97 -9.35 6.12
CA SER A 16 10.28 -10.61 6.48
C SER A 16 10.53 -11.72 5.43
N ASN A 17 10.40 -12.98 5.82
CA ASN A 17 10.45 -14.08 4.85
C ASN A 17 9.28 -14.97 4.97
N MET A 18 8.98 -15.65 3.88
CA MET A 18 7.95 -16.67 3.94
C MET A 18 8.32 -17.78 3.00
N THR A 19 7.88 -18.97 3.36
CA THR A 19 8.09 -20.12 2.51
C THR A 19 6.72 -20.63 2.24
N ILE A 20 6.53 -21.16 1.05
CA ILE A 20 5.24 -21.70 0.67
C ILE A 20 5.54 -23.05 0.03
N GLY A 21 4.75 -24.08 0.33
CA GLY A 21 5.01 -25.43 -0.17
C GLY A 21 4.28 -25.60 -1.51
N ALA A 22 4.02 -26.85 -1.87
CA ALA A 22 3.38 -27.10 -3.20
C ALA A 22 1.97 -26.57 -3.24
N VAL A 23 1.53 -26.08 -4.40
CA VAL A 23 0.17 -25.69 -4.63
C VAL A 23 -0.54 -26.89 -5.16
N ASN A 24 -1.62 -27.33 -4.50
CA ASN A 24 -2.36 -28.48 -5.04
C ASN A 24 -3.23 -28.14 -6.26
N SER A 25 -3.93 -29.12 -6.82
CA SER A 25 -4.62 -28.85 -8.08
C SER A 25 -5.85 -28.01 -7.79
N LYS A 26 -6.31 -27.99 -6.54
CA LYS A 26 -7.34 -27.00 -6.16
C LYS A 26 -6.84 -25.58 -5.95
N GLY A 27 -5.54 -25.33 -5.98
CA GLY A 27 -5.08 -23.98 -5.72
C GLY A 27 -4.63 -23.70 -4.28
N GLU A 28 -4.81 -24.69 -3.38
CA GLU A 28 -4.52 -24.56 -1.94
C GLU A 28 -3.01 -24.73 -1.62
N PHE A 29 -2.51 -23.93 -0.69
CA PHE A 29 -1.13 -24.08 -0.26
C PHE A 29 -1.04 -23.68 1.22
N THR A 30 0.04 -24.11 1.87
CA THR A 30 0.35 -23.71 3.23
C THR A 30 1.78 -23.20 3.15
N GLY A 31 2.22 -22.51 4.22
CA GLY A 31 3.56 -21.90 4.22
C GLY A 31 3.87 -21.53 5.67
N THR A 32 5.00 -20.86 5.84
CA THR A 32 5.36 -20.28 7.11
C THR A 32 5.80 -18.83 6.86
N TYR A 33 5.58 -17.96 7.83
CA TYR A 33 5.88 -16.54 7.66
C TYR A 33 6.80 -16.13 8.84
N THR A 34 7.99 -15.56 8.58
CA THR A 34 8.86 -15.14 9.69
C THR A 34 8.97 -13.64 9.56
N THR A 35 8.31 -12.89 10.48
CA THR A 35 8.06 -11.44 10.28
C THR A 35 9.25 -10.72 10.87
N ALA A 36 9.60 -9.59 10.25
CA ALA A 36 10.69 -8.72 10.67
C ALA A 36 10.12 -7.65 11.63
N VAL A 37 8.82 -7.40 11.52
CA VAL A 37 8.14 -6.28 12.22
C VAL A 37 6.83 -6.71 12.94
N THR A 38 6.50 -6.07 14.06
CA THR A 38 5.25 -6.35 14.76
C THR A 38 4.70 -5.08 15.46
N ALA A 39 3.36 -5.00 15.58
CA ALA A 39 2.70 -3.85 16.22
C ALA A 39 2.73 -3.95 17.74
N THR A 40 2.74 -5.20 18.25
CA THR A 40 2.85 -5.50 19.67
C THR A 40 4.35 -5.38 20.03
N SER A 41 4.68 -5.35 21.33
CA SER A 41 6.09 -5.41 21.76
C SER A 41 6.47 -6.86 22.13
N ASN A 42 5.66 -7.80 21.62
CA ASN A 42 5.85 -9.22 21.83
C ASN A 42 7.04 -9.75 21.06
N GLU A 43 7.73 -10.75 21.62
CA GLU A 43 8.75 -11.47 20.83
C GLU A 43 8.18 -12.20 19.55
N ILE A 44 8.60 -11.83 18.34
CA ILE A 44 8.09 -12.51 17.10
C ILE A 44 8.46 -14.00 17.06
N LYS A 45 7.62 -14.79 16.40
CA LYS A 45 7.97 -16.12 16.04
C LYS A 45 7.33 -16.47 14.71
N GLU A 46 7.94 -17.47 14.04
CA GLU A 46 7.42 -18.12 12.86
C GLU A 46 5.99 -18.56 13.05
N SER A 47 5.18 -18.31 12.03
CA SER A 47 3.74 -18.52 12.13
C SER A 47 3.25 -19.16 10.82
N PRO A 48 2.23 -20.03 10.93
CA PRO A 48 1.80 -20.70 9.71
C PRO A 48 0.93 -19.80 8.84
N LEU A 49 0.94 -20.01 7.52
CA LEU A 49 -0.04 -19.35 6.71
C LEU A 49 -0.81 -20.37 5.89
N HIS A 50 -2.02 -20.02 5.44
CA HIS A 50 -2.81 -20.94 4.62
C HIS A 50 -3.53 -20.11 3.57
N GLY A 51 -3.53 -20.53 2.31
CA GLY A 51 -4.22 -19.70 1.30
C GLY A 51 -4.52 -20.47 0.02
N THR A 52 -4.96 -19.76 -1.02
CA THR A 52 -5.28 -20.40 -2.24
C THR A 52 -4.86 -19.48 -3.36
N GLN A 53 -4.52 -20.09 -4.47
CA GLN A 53 -4.23 -19.36 -5.68
C GLN A 53 -5.43 -19.63 -6.59
N ASN A 54 -5.90 -18.61 -7.28
CA ASN A 54 -7.05 -18.76 -8.13
C ASN A 54 -6.59 -19.57 -9.34
N THR A 55 -7.30 -20.63 -9.66
CA THR A 55 -6.89 -21.43 -10.82
C THR A 55 -7.76 -21.24 -12.07
N ILE A 56 -8.64 -20.23 -12.06
CA ILE A 56 -9.50 -19.99 -13.24
C ILE A 56 -8.67 -19.53 -14.45
N ASN A 57 -8.77 -20.28 -15.57
CA ASN A 57 -8.06 -19.98 -16.83
C ASN A 57 -6.54 -20.22 -16.68
N LYS A 58 -6.16 -20.97 -15.65
CA LYS A 58 -4.76 -21.33 -15.40
C LYS A 58 -3.83 -20.17 -15.79
N ARG A 59 -4.03 -19.04 -15.14
CA ARG A 59 -3.24 -17.90 -15.46
C ARG A 59 -1.75 -18.17 -15.19
N THR A 60 -0.93 -17.57 -16.04
CA THR A 60 0.47 -17.51 -15.86
C THR A 60 0.84 -16.63 -14.65
N GLN A 61 0.04 -15.59 -14.43
CA GLN A 61 0.20 -14.64 -13.33
C GLN A 61 -1.11 -14.62 -12.49
N PRO A 62 -1.31 -15.64 -11.63
CA PRO A 62 -2.59 -15.78 -10.95
C PRO A 62 -2.72 -14.85 -9.70
N THR A 63 -3.96 -14.52 -9.32
CA THR A 63 -4.21 -13.84 -8.05
C THR A 63 -4.19 -14.89 -6.95
N PHE A 64 -4.04 -14.43 -5.72
CA PHE A 64 -3.98 -15.43 -4.64
C PHE A 64 -4.33 -14.70 -3.36
N GLY A 65 -4.59 -15.43 -2.30
CA GLY A 65 -4.72 -14.74 -1.03
C GLY A 65 -4.25 -15.72 0.03
N PHE A 66 -3.89 -15.20 1.20
CA PHE A 66 -3.60 -16.14 2.30
C PHE A 66 -3.77 -15.44 3.65
N THR A 67 -3.91 -16.24 4.70
CA THR A 67 -4.09 -15.75 6.07
C THR A 67 -2.87 -16.21 6.88
N VAL A 68 -2.25 -15.29 7.60
CA VAL A 68 -1.17 -15.59 8.50
C VAL A 68 -1.77 -15.62 9.89
N ASN A 69 -1.70 -16.78 10.48
CA ASN A 69 -2.25 -17.07 11.80
C ASN A 69 -1.14 -16.85 12.85
N TRP A 70 -1.01 -15.62 13.31
CA TRP A 70 0.14 -15.25 14.11
C TRP A 70 0.15 -16.11 15.35
N LYS A 71 1.33 -16.58 15.71
CA LYS A 71 1.44 -17.41 16.94
C LYS A 71 2.00 -16.69 18.17
N PHE A 72 2.34 -15.42 18.03
CA PHE A 72 2.94 -14.70 19.15
C PHE A 72 2.00 -13.51 19.50
N SER A 73 0.84 -13.46 18.86
CA SER A 73 -0.16 -12.52 19.33
C SER A 73 -1.54 -13.00 18.98
N GLU A 74 -2.55 -12.21 19.38
CA GLU A 74 -3.95 -12.55 19.13
C GLU A 74 -4.49 -12.09 17.75
N SER A 75 -3.64 -11.46 16.96
CA SER A 75 -3.99 -10.84 15.64
C SER A 75 -4.02 -11.84 14.48
N THR A 76 -4.63 -11.45 13.36
CA THR A 76 -4.59 -12.18 12.11
C THR A 76 -4.27 -11.20 11.02
N THR A 77 -3.41 -11.60 10.06
CA THR A 77 -3.29 -10.75 8.88
C THR A 77 -3.67 -11.55 7.62
N VAL A 78 -4.34 -10.94 6.67
CA VAL A 78 -4.61 -11.56 5.34
C VAL A 78 -3.84 -10.77 4.31
N PHE A 79 -3.32 -11.48 3.29
CA PHE A 79 -2.63 -10.84 2.16
C PHE A 79 -3.35 -11.23 0.89
N THR A 80 -3.43 -10.31 -0.07
CA THR A 80 -3.89 -10.79 -1.37
C THR A 80 -3.09 -10.08 -2.41
N GLY A 81 -2.87 -10.74 -3.56
CA GLY A 81 -2.12 -10.04 -4.59
C GLY A 81 -2.00 -10.90 -5.86
N GLN A 82 -0.99 -10.63 -6.66
CA GLN A 82 -0.81 -11.35 -7.93
C GLN A 82 0.66 -11.57 -8.10
N CYS A 83 0.92 -12.71 -8.67
CA CYS A 83 2.26 -13.13 -8.96
C CYS A 83 2.64 -12.61 -10.36
N PHE A 84 3.54 -11.64 -10.48
CA PHE A 84 3.98 -11.23 -11.80
C PHE A 84 5.33 -11.84 -12.23
N ILE A 85 5.47 -12.01 -13.54
CA ILE A 85 6.70 -12.63 -14.10
C ILE A 85 7.20 -11.84 -15.30
N ASP A 86 8.15 -10.92 -15.09
CA ASP A 86 8.76 -10.15 -16.21
C ASP A 86 9.47 -11.12 -17.19
N ARG A 87 9.66 -10.73 -18.46
CA ARG A 87 10.04 -11.72 -19.52
C ARG A 87 11.38 -12.44 -19.34
N ASN A 88 12.45 -11.72 -18.97
CA ASN A 88 13.74 -12.36 -18.62
C ASN A 88 13.58 -13.48 -17.57
N GLY A 89 12.52 -13.38 -16.77
CA GLY A 89 12.07 -14.48 -15.91
C GLY A 89 11.92 -14.16 -14.43
N LYS A 90 12.08 -12.90 -14.03
CA LYS A 90 11.98 -12.55 -12.58
C LYS A 90 10.53 -12.53 -12.03
N GLU A 91 10.27 -13.27 -10.95
CA GLU A 91 8.93 -13.22 -10.33
C GLU A 91 8.86 -12.23 -9.16
N VAL A 92 7.73 -11.51 -9.08
CA VAL A 92 7.45 -10.57 -7.97
C VAL A 92 6.03 -10.84 -7.45
N LEU A 93 5.84 -10.86 -6.13
CA LEU A 93 4.48 -10.93 -5.63
C LEU A 93 4.16 -9.49 -5.19
N LYS A 94 3.12 -8.92 -5.79
CA LYS A 94 2.62 -7.60 -5.34
C LYS A 94 1.41 -7.87 -4.47
N THR A 95 1.48 -7.52 -3.18
CA THR A 95 0.39 -7.77 -2.31
C THR A 95 -0.04 -6.54 -1.51
N MET A 96 -1.28 -6.62 -1.05
CA MET A 96 -1.83 -5.75 0.01
C MET A 96 -2.33 -6.61 1.15
N TRP A 97 -2.34 -6.05 2.37
CA TRP A 97 -2.72 -6.85 3.47
C TRP A 97 -3.63 -6.04 4.42
N LEU A 98 -4.39 -6.74 5.28
CA LEU A 98 -5.13 -6.11 6.40
C LEU A 98 -4.62 -6.84 7.60
N LEU A 99 -4.20 -6.08 8.60
CA LEU A 99 -3.74 -6.64 9.87
C LEU A 99 -4.89 -6.36 10.86
N ARG A 100 -5.53 -7.43 11.30
CA ARG A 100 -6.59 -7.33 12.33
C ARG A 100 -6.07 -7.51 13.76
N SER A 101 -6.12 -6.47 14.60
CA SER A 101 -5.90 -6.66 16.03
C SER A 101 -7.15 -7.15 16.73
N SER A 102 -6.94 -7.79 17.87
CA SER A 102 -8.04 -8.18 18.76
C SER A 102 -8.39 -6.98 19.62
N VAL A 103 -9.67 -6.65 19.79
CA VAL A 103 -10.03 -5.63 20.76
C VAL A 103 -10.91 -6.32 21.73
N ASN A 104 -10.97 -5.81 22.95
CA ASN A 104 -11.79 -6.42 23.98
C ASN A 104 -13.28 -6.11 23.83
N ASP A 105 -13.61 -4.99 23.19
CA ASP A 105 -15.01 -4.57 23.18
C ASP A 105 -15.40 -4.16 21.75
N ILE A 106 -16.56 -4.61 21.30
CA ILE A 106 -17.01 -4.31 19.97
C ILE A 106 -17.09 -2.81 19.70
N GLY A 107 -17.12 -2.01 20.77
CA GLY A 107 -17.09 -0.53 20.71
C GLY A 107 -15.80 0.00 20.07
N ASP A 108 -14.73 -0.81 20.15
CA ASP A 108 -13.43 -0.45 19.62
C ASP A 108 -13.14 -1.09 18.24
N ASP A 109 -14.10 -1.79 17.70
CA ASP A 109 -13.86 -2.52 16.43
C ASP A 109 -13.37 -1.60 15.35
N TRP A 110 -13.82 -0.35 15.40
CA TRP A 110 -13.62 0.58 14.27
C TRP A 110 -12.14 0.83 14.05
N LYS A 111 -11.30 0.74 15.10
CA LYS A 111 -9.87 1.05 14.96
C LYS A 111 -9.01 -0.26 14.91
N ALA A 112 -9.65 -1.45 14.74
CA ALA A 112 -8.91 -2.71 14.84
C ALA A 112 -8.21 -3.17 13.55
N THR A 113 -8.33 -2.44 12.42
CA THR A 113 -7.80 -2.93 11.11
C THR A 113 -6.83 -1.97 10.46
N ARG A 114 -5.56 -2.41 10.32
CA ARG A 114 -4.53 -1.65 9.55
C ARG A 114 -4.42 -2.17 8.16
N VAL A 115 -3.97 -1.34 7.24
CA VAL A 115 -3.80 -1.82 5.86
C VAL A 115 -2.37 -1.44 5.40
N GLY A 116 -1.82 -2.16 4.40
CA GLY A 116 -0.56 -1.70 3.76
C GLY A 116 -0.20 -2.64 2.64
N ILE A 117 1.04 -2.52 2.12
CA ILE A 117 1.45 -3.35 1.03
C ILE A 117 2.66 -4.15 1.41
N ASN A 118 2.95 -5.20 0.64
CA ASN A 118 4.31 -5.80 0.65
C ASN A 118 4.60 -6.35 -0.74
N ILE A 119 5.85 -6.16 -1.16
CA ILE A 119 6.36 -6.72 -2.39
C ILE A 119 7.35 -7.84 -2.06
N PHE A 120 7.15 -9.03 -2.58
CA PHE A 120 8.06 -10.13 -2.25
C PHE A 120 8.87 -10.51 -3.48
N THR A 121 10.11 -10.88 -3.27
CA THR A 121 10.94 -11.38 -4.34
C THR A 121 11.55 -12.70 -3.85
N ARG A 122 12.06 -13.51 -4.77
CA ARG A 122 12.52 -14.85 -4.45
C ARG A 122 13.79 -14.77 -3.67
N LEU A 123 13.89 -15.60 -2.64
CA LEU A 123 15.07 -15.52 -1.80
C LEU A 123 16.26 -16.01 -2.57
N ARG A 124 17.24 -15.10 -2.68
CA ARG A 124 18.55 -15.26 -3.35
C ARG A 124 19.29 -16.59 -3.04
N THR A 125 19.79 -17.24 -4.08
CA THR A 125 20.62 -18.45 -3.94
C THR A 125 21.98 -18.10 -3.33
N ARG B 2 16.14 19.06 11.41
CA ARG B 2 15.41 19.79 10.34
C ARG B 2 13.98 19.25 10.23
N LYS B 3 13.08 20.06 9.68
CA LYS B 3 11.68 19.74 9.50
C LYS B 3 11.54 19.06 8.11
N CYS B 4 10.59 18.13 7.95
CA CYS B 4 10.18 17.68 6.64
C CYS B 4 9.05 18.68 6.27
N SER B 5 9.11 19.29 5.11
CA SER B 5 8.12 20.29 4.73
C SER B 5 7.38 19.85 3.45
N LEU B 6 6.04 19.93 3.41
CA LEU B 6 5.28 19.50 2.24
C LEU B 6 5.44 20.36 0.98
N THR B 7 5.75 21.62 1.19
CA THR B 7 5.83 22.64 0.10
C THR B 7 6.91 22.24 -0.90
N GLY B 8 6.59 22.31 -2.19
CA GLY B 8 7.56 22.06 -3.24
C GLY B 8 7.02 21.06 -4.22
N LYS B 9 7.92 20.46 -4.99
CA LYS B 9 7.53 19.61 -6.10
C LYS B 9 7.95 18.23 -5.69
N TRP B 10 7.13 17.28 -6.04
CA TRP B 10 7.30 15.85 -5.63
C TRP B 10 6.99 15.00 -6.85
N THR B 11 7.55 13.83 -6.85
CA THR B 11 7.21 12.86 -7.83
C THR B 11 7.10 11.53 -7.06
N ASN B 12 6.34 10.58 -7.61
CA ASN B 12 6.14 9.33 -6.91
C ASN B 12 6.64 8.14 -7.66
N ASP B 13 6.40 6.98 -7.10
CA ASP B 13 6.97 5.75 -7.60
C ASP B 13 6.26 5.31 -8.92
N LEU B 14 5.13 5.92 -9.27
CA LEU B 14 4.51 5.62 -10.57
C LEU B 14 4.76 6.68 -11.65
N GLY B 15 5.66 7.63 -11.42
CA GLY B 15 5.80 8.76 -12.35
C GLY B 15 4.83 9.97 -12.30
N SER B 16 3.88 10.01 -11.36
CA SER B 16 3.01 11.19 -11.22
C SER B 16 3.79 12.31 -10.56
N ASN B 17 3.40 13.56 -10.76
CA ASN B 17 4.09 14.65 -10.09
C ASN B 17 3.08 15.47 -9.32
N MET B 18 3.50 16.15 -8.27
CA MET B 18 2.62 17.06 -7.59
C MET B 18 3.45 18.19 -7.05
N THR B 19 2.80 19.35 -6.93
CA THR B 19 3.37 20.62 -6.45
C THR B 19 2.42 21.05 -5.37
N ILE B 20 2.97 21.38 -4.22
CA ILE B 20 2.16 21.85 -3.07
C ILE B 20 2.75 23.20 -2.73
N GLY B 21 1.88 24.17 -2.51
CA GLY B 21 2.26 25.52 -2.15
C GLY B 21 2.61 25.66 -0.68
N ALA B 22 2.61 26.91 -0.20
CA ALA B 22 2.91 27.17 1.21
C ALA B 22 1.79 26.59 2.08
N VAL B 23 2.17 26.12 3.24
CA VAL B 23 1.26 25.66 4.26
C VAL B 23 1.08 26.82 5.24
N ASN B 24 -0.15 27.31 5.37
CA ASN B 24 -0.43 28.45 6.27
C ASN B 24 -0.44 28.05 7.77
N SER B 25 -0.74 29.00 8.68
CA SER B 25 -0.66 28.74 10.14
C SER B 25 -1.65 27.71 10.61
N LYS B 26 -2.75 27.51 9.87
CA LYS B 26 -3.75 26.49 10.23
C LYS B 26 -3.40 25.10 9.70
N GLY B 27 -2.34 24.99 8.91
CA GLY B 27 -1.94 23.73 8.33
C GLY B 27 -2.45 23.50 6.92
N GLU B 28 -3.13 24.48 6.33
CA GLU B 28 -3.84 24.27 5.06
C GLU B 28 -2.92 24.51 3.90
N PHE B 29 -3.06 23.71 2.83
CA PHE B 29 -2.25 23.96 1.63
C PHE B 29 -3.12 23.65 0.45
N THR B 30 -2.70 24.10 -0.73
CA THR B 30 -3.38 23.66 -1.95
C THR B 30 -2.26 23.24 -2.90
N GLY B 31 -2.60 22.68 -4.05
CA GLY B 31 -1.53 22.34 -4.98
C GLY B 31 -2.13 21.76 -6.22
N THR B 32 -1.31 21.07 -7.02
CA THR B 32 -1.73 20.51 -8.28
C THR B 32 -1.17 19.09 -8.38
N TYR B 33 -1.93 18.19 -8.97
CA TYR B 33 -1.46 16.82 -9.05
C TYR B 33 -1.40 16.49 -10.56
N THR B 34 -0.27 16.03 -11.05
CA THR B 34 -0.09 15.85 -12.52
C THR B 34 0.19 14.40 -12.81
N THR B 35 -0.53 13.90 -13.78
CA THR B 35 -0.57 12.48 -14.03
C THR B 35 -0.59 12.30 -15.57
N ALA B 36 0.03 11.22 -16.06
CA ALA B 36 -0.01 10.88 -17.50
C ALA B 36 -1.20 9.97 -17.79
N VAL B 37 -1.87 10.19 -18.91
CA VAL B 37 -3.02 9.33 -19.22
C VAL B 37 -2.69 8.34 -20.34
N THR B 38 -1.38 8.04 -20.44
CA THR B 38 -0.86 6.83 -21.06
C THR B 38 0.47 6.59 -20.33
N ALA B 39 0.65 5.38 -19.78
CA ALA B 39 1.90 5.05 -19.07
C ALA B 39 3.09 5.08 -20.05
N THR B 40 4.14 5.81 -19.67
CA THR B 40 5.26 6.22 -20.57
C THR B 40 4.81 6.91 -21.89
N SER B 41 4.04 7.99 -21.76
CA SER B 41 3.55 8.79 -22.90
C SER B 41 3.31 10.28 -22.60
N ASN B 42 2.92 11.01 -23.65
CA ASN B 42 2.90 12.47 -23.65
C ASN B 42 1.69 13.15 -23.00
N GLU B 43 0.51 12.53 -23.06
CA GLU B 43 -0.72 13.19 -22.57
C GLU B 43 -0.76 13.35 -21.03
N ILE B 44 -0.77 14.62 -20.62
CA ILE B 44 -0.60 15.03 -19.21
C ILE B 44 -1.86 15.81 -18.77
N LYS B 45 -2.41 15.50 -17.61
CA LYS B 45 -3.60 16.21 -17.09
C LYS B 45 -3.30 16.65 -15.67
N GLU B 46 -3.89 17.77 -15.29
CA GLU B 46 -3.46 18.44 -14.12
C GLU B 46 -4.76 18.65 -13.36
N SER B 47 -4.80 18.24 -12.09
CA SER B 47 -5.98 18.47 -11.22
C SER B 47 -5.59 19.12 -9.90
N PRO B 48 -6.46 19.98 -9.31
CA PRO B 48 -6.15 20.62 -8.04
C PRO B 48 -6.29 19.64 -6.86
N LEU B 49 -5.53 19.91 -5.79
CA LEU B 49 -5.65 19.18 -4.57
C LEU B 49 -5.73 20.22 -3.47
N HIS B 50 -6.37 19.84 -2.34
N HIS B 50 -6.40 19.91 -2.36
CA HIS B 50 -6.53 20.69 -1.17
CA HIS B 50 -6.20 20.70 -1.18
C HIS B 50 -6.40 19.82 0.07
C HIS B 50 -6.33 19.84 0.04
N GLY B 51 -5.73 20.30 1.11
CA GLY B 51 -5.66 19.50 2.30
C GLY B 51 -5.02 20.19 3.44
N THR B 52 -4.62 19.40 4.45
CA THR B 52 -4.02 19.98 5.68
C THR B 52 -2.90 19.12 6.21
N GLN B 53 -1.99 19.79 6.93
CA GLN B 53 -0.93 19.15 7.63
C GLN B 53 -1.30 19.34 9.10
N ASN B 54 -1.11 18.32 9.92
CA ASN B 54 -1.49 18.43 11.30
C ASN B 54 -0.41 19.25 11.99
N THR B 55 -0.80 20.17 12.84
CA THR B 55 0.24 21.03 13.38
C THR B 55 0.36 20.81 14.87
N ILE B 56 -0.36 19.82 15.42
CA ILE B 56 -0.28 19.57 16.88
C ILE B 56 1.16 19.19 17.27
N ASN B 57 1.73 19.86 18.30
CA ASN B 57 3.10 19.60 18.81
C ASN B 57 4.17 19.95 17.75
N LYS B 58 3.74 20.68 16.72
CA LYS B 58 4.63 21.13 15.59
C LYS B 58 5.74 20.12 15.29
N ARG B 59 5.34 18.89 14.97
CA ARG B 59 6.29 17.81 14.80
C ARG B 59 7.19 18.13 13.59
N THR B 60 8.43 17.67 13.61
CA THR B 60 9.29 17.87 12.45
C THR B 60 8.89 16.91 11.29
N GLN B 61 8.12 15.88 11.62
CA GLN B 61 7.64 14.86 10.66
C GLN B 61 6.06 14.75 10.73
N PRO B 62 5.35 15.79 10.25
CA PRO B 62 3.92 15.81 10.49
C PRO B 62 3.13 14.82 9.61
N THR B 63 1.97 14.37 10.11
CA THR B 63 1.01 13.72 9.25
C THR B 63 0.25 14.74 8.45
N PHE B 64 -0.39 14.27 7.39
CA PHE B 64 -1.19 15.20 6.55
C PHE B 64 -2.19 14.40 5.76
N GLY B 65 -3.08 15.09 5.08
CA GLY B 65 -3.96 14.45 4.11
C GLY B 65 -4.41 15.43 3.06
N PHE B 66 -4.85 14.96 1.90
CA PHE B 66 -5.32 15.87 0.88
C PHE B 66 -6.28 15.12 0.00
N THR B 67 -7.12 15.88 -0.67
CA THR B 67 -8.06 15.32 -1.64
C THR B 67 -7.69 15.85 -3.00
N VAL B 68 -7.59 14.97 -3.96
CA VAL B 68 -7.44 15.36 -5.35
C VAL B 68 -8.80 15.29 -6.02
N ASN B 69 -9.20 16.42 -6.55
CA ASN B 69 -10.46 16.60 -7.23
C ASN B 69 -10.24 16.43 -8.75
N TRP B 70 -10.34 15.21 -9.26
CA TRP B 70 -9.94 14.88 -10.61
C TRP B 70 -10.79 15.68 -11.59
N LYS B 71 -10.16 16.24 -12.59
CA LYS B 71 -10.88 17.13 -13.49
C LYS B 71 -11.24 16.40 -14.79
N PHE B 72 -10.81 15.15 -14.89
CA PHE B 72 -10.99 14.37 -16.11
C PHE B 72 -11.80 13.11 -15.86
N SER B 73 -12.34 12.99 -14.66
CA SER B 73 -13.37 12.00 -14.41
C SER B 73 -14.26 12.38 -13.24
N GLU B 74 -15.23 11.52 -12.97
CA GLU B 74 -16.10 11.73 -11.82
C GLU B 74 -15.58 11.21 -10.45
N SER B 75 -14.37 10.65 -10.46
CA SER B 75 -13.78 10.09 -9.23
C SER B 75 -13.13 11.11 -8.31
N THR B 76 -12.81 10.70 -7.08
CA THR B 76 -12.07 11.54 -6.16
C THR B 76 -11.03 10.60 -5.55
N THR B 77 -9.80 11.10 -5.30
CA THR B 77 -8.85 10.35 -4.45
C THR B 77 -8.48 11.15 -3.20
N VAL B 78 -8.35 10.47 -2.07
CA VAL B 78 -7.73 11.12 -0.87
C VAL B 78 -6.45 10.38 -0.55
N PHE B 79 -5.46 11.11 -0.07
CA PHE B 79 -4.18 10.58 0.32
C PHE B 79 -3.97 11.02 1.77
N THR B 80 -3.35 10.14 2.56
CA THR B 80 -2.94 10.57 3.89
C THR B 80 -1.61 9.94 4.18
N GLY B 81 -0.75 10.60 4.96
CA GLY B 81 0.56 9.97 5.19
C GLY B 81 1.33 10.85 6.14
N GLN B 82 2.65 10.63 6.19
CA GLN B 82 3.50 11.39 7.08
C GLN B 82 4.73 11.87 6.27
N CYS B 83 5.20 13.08 6.54
CA CYS B 83 6.39 13.64 5.91
C CYS B 83 7.59 13.22 6.75
N PHE B 84 8.40 12.28 6.27
CA PHE B 84 9.55 11.81 7.06
C PHE B 84 10.85 12.39 6.63
N ILE B 85 11.76 12.49 7.56
CA ILE B 85 13.15 12.48 7.16
C ILE B 85 13.56 11.00 7.19
N ASP B 86 13.81 10.44 6.01
CA ASP B 86 14.22 9.10 5.85
C ASP B 86 15.57 8.77 6.50
N ARG B 87 15.87 7.48 6.63
CA ARG B 87 17.16 7.09 7.25
C ARG B 87 18.36 7.66 6.46
N ASN B 88 18.19 7.88 5.16
CA ASN B 88 19.29 8.41 4.33
C ASN B 88 19.30 9.96 4.39
N GLY B 89 18.41 10.53 5.17
CA GLY B 89 18.42 11.97 5.41
C GLY B 89 17.60 12.70 4.37
N LYS B 90 16.98 11.98 3.41
CA LYS B 90 16.12 12.64 2.39
C LYS B 90 14.67 12.77 2.93
N GLU B 91 13.95 13.81 2.48
CA GLU B 91 12.51 13.96 2.77
C GLU B 91 11.74 12.99 1.92
N VAL B 92 10.78 12.31 2.53
CA VAL B 92 9.94 11.37 1.78
C VAL B 92 8.51 11.48 2.32
N LEU B 93 7.55 11.50 1.43
CA LEU B 93 6.15 11.37 1.88
C LEU B 93 5.73 9.93 1.67
N LYS B 94 5.39 9.23 2.77
CA LYS B 94 4.90 7.86 2.68
C LYS B 94 3.36 8.03 2.80
N THR B 95 2.60 7.61 1.77
CA THR B 95 1.17 7.86 1.76
C THR B 95 0.44 6.59 1.39
N MET B 96 -0.84 6.53 1.80
CA MET B 96 -1.77 5.58 1.27
C MET B 96 -2.95 6.42 0.74
N TRP B 97 -3.70 5.83 -0.17
CA TRP B 97 -4.81 6.54 -0.76
C TRP B 97 -6.02 5.67 -0.91
N LEU B 98 -7.18 6.34 -1.06
CA LEU B 98 -8.49 5.64 -1.40
C LEU B 98 -8.98 6.35 -2.63
N LEU B 99 -9.26 5.58 -3.70
CA LEU B 99 -9.80 6.13 -4.95
C LEU B 99 -11.26 5.70 -4.99
N ARG B 100 -12.17 6.69 -4.99
CA ARG B 100 -13.63 6.47 -5.00
C ARG B 100 -14.10 6.73 -6.40
N SER B 101 -14.70 5.71 -6.99
CA SER B 101 -15.39 5.84 -8.26
C SER B 101 -16.82 6.21 -8.00
N SER B 102 -17.45 6.86 -9.01
CA SER B 102 -18.86 7.13 -9.00
C SER B 102 -19.61 5.85 -9.39
N VAL B 103 -20.57 5.39 -8.60
CA VAL B 103 -21.54 4.37 -9.09
C VAL B 103 -22.94 5.00 -9.23
N ASN B 104 -23.84 4.36 -9.96
CA ASN B 104 -25.15 4.92 -10.19
C ASN B 104 -26.15 4.51 -9.16
N ASP B 105 -26.01 3.29 -8.69
CA ASP B 105 -26.94 2.72 -7.77
C ASP B 105 -26.26 2.40 -6.43
N ILE B 106 -26.88 2.82 -5.33
CA ILE B 106 -26.39 2.54 -4.01
C ILE B 106 -26.04 1.05 -3.78
N GLY B 107 -26.73 0.15 -4.48
CA GLY B 107 -26.40 -1.28 -4.49
C GLY B 107 -24.99 -1.64 -5.00
N ASP B 108 -24.35 -0.77 -5.79
CA ASP B 108 -22.96 -0.99 -6.24
C ASP B 108 -21.91 -0.27 -5.40
N ASP B 109 -22.33 0.37 -4.32
CA ASP B 109 -21.42 1.15 -3.52
C ASP B 109 -20.23 0.31 -2.98
N TRP B 110 -20.51 -0.98 -2.70
CA TRP B 110 -19.52 -1.91 -2.14
C TRP B 110 -18.29 -2.05 -3.02
N LYS B 111 -18.40 -1.86 -4.34
CA LYS B 111 -17.19 -2.02 -5.14
C LYS B 111 -16.56 -0.72 -5.60
N ALA B 112 -16.96 0.38 -5.00
CA ALA B 112 -16.50 1.71 -5.57
C ALA B 112 -15.19 2.26 -4.98
N THR B 113 -14.56 1.53 -4.06
CA THR B 113 -13.30 2.07 -3.42
C THR B 113 -12.06 1.21 -3.59
N ARG B 114 -11.04 1.78 -4.24
CA ARG B 114 -9.73 1.08 -4.37
C ARG B 114 -8.75 1.67 -3.36
N VAL B 115 -7.70 0.94 -3.02
CA VAL B 115 -6.79 1.38 -1.98
C VAL B 115 -5.40 1.09 -2.54
N GLY B 116 -4.42 1.94 -2.20
CA GLY B 116 -3.04 1.65 -2.55
C GLY B 116 -2.09 2.61 -1.84
N ILE B 117 -0.80 2.57 -2.19
CA ILE B 117 0.15 3.46 -1.54
C ILE B 117 0.79 4.31 -2.59
N ASN B 118 1.43 5.39 -2.15
CA ASN B 118 2.39 6.06 -3.03
C ASN B 118 3.48 6.64 -2.17
N ILE B 119 4.71 6.55 -2.65
CA ILE B 119 5.84 7.17 -1.94
C ILE B 119 6.33 8.31 -2.78
N PHE B 120 6.43 9.49 -2.21
CA PHE B 120 6.91 10.66 -3.01
C PHE B 120 8.28 11.12 -2.57
N THR B 121 9.12 11.53 -3.51
CA THR B 121 10.39 12.12 -3.15
C THR B 121 10.46 13.46 -3.93
N ARG B 122 11.35 14.34 -3.51
CA ARG B 122 11.51 15.66 -4.18
C ARG B 122 12.01 15.58 -5.60
N LEU B 123 11.42 16.36 -6.51
CA LEU B 123 11.98 16.62 -7.83
C LEU B 123 12.74 17.90 -7.67
N ARG B 124 14.06 17.88 -7.76
CA ARG B 124 14.83 19.13 -7.51
C ARG B 124 15.59 19.71 -8.71
#